data_8Z32
#
_entry.id   8Z32
#
_cell.length_a   65.430
_cell.length_b   67.743
_cell.length_c   67.272
_cell.angle_alpha   90.00
_cell.angle_beta   116.36
_cell.angle_gamma   90.00
#
_symmetry.space_group_name_H-M   'P 1 21 1'
#
loop_
_entity.id
_entity.type
_entity.pdbx_description
1 polymer 'Egl nine homolog 1'
2 non-polymer 'FE (II) ION'
3 non-polymer '2-[[6-[(4-fluorophenyl)methyl]-2-methyl-5-oxidanyl-pyrimidin-4-yl]carbonylamino]ethanoic acid'
4 water water
#
_entity_poly.entity_id   1
_entity_poly.type   'polypeptide(L)'
_entity_poly.pdbx_seq_one_letter_code
;MAHHHHHHLPALKLALEYIVPCMNKHGICVVDDFLGKETGQQIGDEVRALHDTGKFTDGQLVSQKSDSSKDIRGDKITWI
EGKEPGCETIGLLMSSMDDLIRHCNGKLGSYKINGRTKAMVACYPGNGTGYVRHVDNPNGDGRCVTCIYYLNKDWDAKVS
GGILRIFPEGKAQFADIEPKFDRLLFFWSDRRNPHEVQPAYATRYAITVWYFDADERARAKVKYLTGEKGVRVELNKPSD
SVGKDVF
;
_entity_poly.pdbx_strand_id   A,B
#
loop_
_chem_comp.id
_chem_comp.type
_chem_comp.name
_chem_comp.formula
A1L0V non-polymer '2-[[6-[(4-fluorophenyl)methyl]-2-methyl-5-oxidanyl-pyrimidin-4-yl]carbonylamino]ethanoic acid' 'C15 H14 F N3 O4'
FE2 non-polymer 'FE (II) ION' 'Fe 2'
#
# COMPACT_ATOMS: atom_id res chain seq x y z
N LEU A 9 -1.10 35.86 -9.50
CA LEU A 9 -2.15 35.55 -8.50
C LEU A 9 -1.56 34.79 -7.32
N PRO A 10 -1.75 35.28 -6.06
CA PRO A 10 -1.34 34.53 -4.87
C PRO A 10 -2.02 33.17 -4.82
N ALA A 11 -1.45 32.27 -4.00
CA ALA A 11 -1.98 30.93 -3.81
C ALA A 11 -3.37 30.98 -3.15
N LEU A 12 -3.52 31.87 -2.17
CA LEU A 12 -4.76 31.97 -1.41
C LEU A 12 -5.90 32.40 -2.32
N LYS A 13 -5.58 33.23 -3.32
CA LYS A 13 -6.59 33.76 -4.22
C LYS A 13 -6.95 32.71 -5.28
N LEU A 14 -5.99 31.85 -5.63
CA LEU A 14 -6.24 30.84 -6.64
C LEU A 14 -7.04 29.68 -6.03
N ALA A 15 -6.85 29.45 -4.72
CA ALA A 15 -7.56 28.39 -4.03
C ALA A 15 -9.03 28.78 -3.82
N LEU A 16 -9.25 29.98 -3.29
CA LEU A 16 -10.56 30.35 -2.78
C LEU A 16 -11.48 30.87 -3.88
N GLU A 17 -10.90 31.23 -5.03
CA GLU A 17 -11.67 31.85 -6.11
C GLU A 17 -11.81 30.96 -7.32
N TYR A 18 -10.90 29.98 -7.49
CA TYR A 18 -10.87 29.17 -8.69
C TYR A 18 -10.99 27.68 -8.37
N ILE A 19 -10.08 27.17 -7.54
CA ILE A 19 -9.93 25.74 -7.34
C ILE A 19 -11.08 25.18 -6.51
N VAL A 20 -11.26 25.69 -5.28
CA VAL A 20 -12.27 25.16 -4.39
C VAL A 20 -13.66 25.30 -5.00
N PRO A 21 -14.06 26.49 -5.52
CA PRO A 21 -15.37 26.65 -6.15
C PRO A 21 -15.59 25.67 -7.30
N CYS A 22 -14.53 25.45 -8.09
CA CYS A 22 -14.60 24.59 -9.26
C CYS A 22 -14.72 23.13 -8.82
N MET A 23 -13.90 22.74 -7.83
CA MET A 23 -13.88 21.37 -7.32
C MET A 23 -15.26 20.99 -6.79
N ASN A 24 -15.88 21.90 -6.02
CA ASN A 24 -17.13 21.62 -5.33
C ASN A 24 -18.30 21.57 -6.32
N LYS A 25 -18.13 22.17 -7.51
CA LYS A 25 -19.21 22.24 -8.47
C LYS A 25 -19.05 21.17 -9.55
N HIS A 26 -17.84 21.06 -10.12
CA HIS A 26 -17.62 20.23 -11.29
C HIS A 26 -16.75 19.02 -10.95
N GLY A 27 -15.78 19.22 -10.05
CA GLY A 27 -14.84 18.18 -9.66
C GLY A 27 -13.68 18.02 -10.63
N ILE A 28 -13.56 18.94 -11.60
CA ILE A 28 -12.48 18.98 -12.58
C ILE A 28 -12.07 20.44 -12.77
N CYS A 29 -10.77 20.73 -12.58
CA CYS A 29 -10.30 22.11 -12.53
C CYS A 29 -8.98 22.26 -13.27
N VAL A 30 -8.91 23.29 -14.13
CA VAL A 30 -7.74 23.56 -14.95
C VAL A 30 -7.21 24.94 -14.64
N VAL A 31 -5.93 25.01 -14.26
CA VAL A 31 -5.23 26.27 -14.06
C VAL A 31 -4.05 26.32 -15.04
N ASP A 32 -4.19 27.13 -16.09
CA ASP A 32 -3.14 27.34 -17.06
C ASP A 32 -2.12 28.34 -16.52
N ASP A 33 -0.92 28.31 -17.10
CA ASP A 33 0.16 29.25 -16.82
C ASP A 33 0.44 29.29 -15.31
N PHE A 34 0.65 28.11 -14.72
CA PHE A 34 0.70 27.97 -13.27
C PHE A 34 1.98 28.58 -12.70
N LEU A 35 3.13 28.29 -13.35
CA LEU A 35 4.42 28.63 -12.77
C LEU A 35 5.19 29.59 -13.68
N GLY A 36 4.83 29.62 -14.97
CA GLY A 36 5.50 30.47 -15.93
C GLY A 36 6.48 29.70 -16.81
N LYS A 37 6.85 30.32 -17.94
CA LYS A 37 7.63 29.70 -19.01
C LYS A 37 8.98 29.24 -18.47
N GLU A 38 9.59 30.05 -17.59
CA GLU A 38 10.97 29.82 -17.17
C GLU A 38 11.05 28.67 -16.17
N THR A 39 10.07 28.60 -15.25
CA THR A 39 10.03 27.56 -14.25
C THR A 39 9.52 26.27 -14.89
N GLY A 40 8.53 26.43 -15.78
CA GLY A 40 7.96 25.31 -16.53
C GLY A 40 9.02 24.49 -17.25
N GLN A 41 9.87 25.16 -18.06
CA GLN A 41 10.83 24.45 -18.87
C GLN A 41 12.04 24.00 -18.07
N GLN A 42 12.24 24.60 -16.88
CA GLN A 42 13.22 24.07 -15.94
C GLN A 42 12.79 22.69 -15.47
N ILE A 43 11.49 22.52 -15.20
CA ILE A 43 10.95 21.25 -14.77
C ILE A 43 11.05 20.25 -15.92
N GLY A 44 10.71 20.73 -17.14
CA GLY A 44 10.86 19.95 -18.36
C GLY A 44 12.26 19.37 -18.52
N ASP A 45 13.28 20.16 -18.13
CA ASP A 45 14.67 19.75 -18.25
C ASP A 45 14.99 18.68 -17.21
N GLU A 46 14.53 18.90 -15.97
CA GLU A 46 14.79 17.99 -14.86
C GLU A 46 14.13 16.64 -15.13
N VAL A 47 12.96 16.68 -15.79
CA VAL A 47 12.20 15.48 -16.14
C VAL A 47 12.93 14.73 -17.25
N ARG A 48 13.48 15.47 -18.21
CA ARG A 48 14.24 14.86 -19.29
C ARG A 48 15.56 14.31 -18.77
N ALA A 49 16.08 14.91 -17.69
CA ALA A 49 17.32 14.47 -17.06
C ALA A 49 17.12 13.10 -16.42
N LEU A 50 15.92 12.85 -15.88
CA LEU A 50 15.57 11.59 -15.24
C LEU A 50 15.59 10.47 -16.28
N HIS A 51 15.34 10.82 -17.54
CA HIS A 51 15.28 9.85 -18.63
C HIS A 51 16.67 9.63 -19.21
N ASP A 52 17.42 10.73 -19.38
CA ASP A 52 18.77 10.74 -19.95
C ASP A 52 19.68 9.85 -19.11
N THR A 53 19.71 10.11 -17.80
CA THR A 53 20.53 9.36 -16.85
C THR A 53 19.92 7.99 -16.60
N GLY A 54 18.64 7.83 -16.98
CA GLY A 54 17.95 6.56 -16.92
C GLY A 54 17.54 6.20 -15.49
N LYS A 55 16.68 7.02 -14.90
CA LYS A 55 16.16 6.80 -13.55
C LYS A 55 14.70 6.36 -13.64
N PHE A 56 14.21 6.16 -14.86
CA PHE A 56 12.83 5.75 -15.11
C PHE A 56 12.63 4.29 -14.73
N THR A 57 11.88 4.06 -13.65
CA THR A 57 11.60 2.74 -13.11
C THR A 57 10.18 2.31 -13.52
N LYS A 76 6.80 4.24 -18.71
CA LYS A 76 7.94 4.86 -17.98
C LYS A 76 7.40 5.77 -16.88
N ILE A 77 7.45 5.28 -15.63
CA ILE A 77 7.12 6.07 -14.46
C ILE A 77 8.30 6.03 -13.50
N THR A 78 8.47 7.11 -12.73
CA THR A 78 9.49 7.20 -11.69
C THR A 78 8.95 8.08 -10.56
N TRP A 79 9.19 7.66 -9.31
CA TRP A 79 8.70 8.38 -8.14
C TRP A 79 9.78 9.29 -7.59
N ILE A 80 9.43 10.58 -7.42
CA ILE A 80 10.36 11.62 -6.98
C ILE A 80 9.85 12.23 -5.68
N GLU A 81 10.78 12.46 -4.75
CA GLU A 81 10.49 13.01 -3.44
C GLU A 81 10.51 14.53 -3.50
N GLY A 82 11.42 15.08 -4.33
CA GLY A 82 11.48 16.51 -4.59
C GLY A 82 12.75 17.15 -4.06
N LYS A 83 13.48 16.43 -3.21
CA LYS A 83 14.69 16.97 -2.58
C LYS A 83 15.93 16.38 -3.23
N GLU A 84 15.73 15.42 -4.15
CA GLU A 84 16.82 14.78 -4.87
C GLU A 84 17.60 15.83 -5.66
N PRO A 85 18.93 15.64 -5.87
CA PRO A 85 19.72 16.56 -6.68
C PRO A 85 19.24 16.55 -8.13
N GLY A 86 19.07 17.76 -8.69
CA GLY A 86 18.59 17.94 -10.05
C GLY A 86 17.07 17.85 -10.15
N CYS A 87 16.40 17.84 -8.98
CA CYS A 87 14.94 17.78 -8.90
C CYS A 87 14.42 18.92 -8.04
N GLU A 88 15.16 20.04 -8.05
CA GLU A 88 14.90 21.19 -7.19
C GLU A 88 13.61 21.87 -7.63
N THR A 89 13.41 21.96 -8.96
CA THR A 89 12.29 22.69 -9.52
C THR A 89 11.02 21.84 -9.43
N ILE A 90 11.21 20.51 -9.47
CA ILE A 90 10.11 19.57 -9.24
C ILE A 90 9.66 19.70 -7.79
N GLY A 91 10.63 19.88 -6.89
CA GLY A 91 10.37 20.19 -5.49
C GLY A 91 9.59 21.49 -5.32
N LEU A 92 9.97 22.52 -6.09
CA LEU A 92 9.29 23.80 -6.12
C LEU A 92 7.82 23.58 -6.52
N LEU A 93 7.61 22.77 -7.57
CA LEU A 93 6.28 22.47 -8.08
C LEU A 93 5.45 21.83 -6.96
N MET A 94 6.07 20.87 -6.27
CA MET A 94 5.42 20.11 -5.21
C MET A 94 5.07 21.06 -4.05
N SER A 95 5.98 21.98 -3.72
CA SER A 95 5.73 22.98 -2.70
C SER A 95 4.57 23.88 -3.10
N SER A 96 4.55 24.28 -4.38
CA SER A 96 3.53 25.16 -4.92
C SER A 96 2.16 24.48 -4.90
N MET A 97 2.16 23.15 -5.12
CA MET A 97 0.96 22.34 -5.13
C MET A 97 0.41 22.21 -3.71
N ASP A 98 1.32 21.97 -2.75
CA ASP A 98 1.00 21.84 -1.34
C ASP A 98 0.42 23.13 -0.79
N ASP A 99 1.10 24.26 -1.06
CA ASP A 99 0.61 25.57 -0.68
C ASP A 99 -0.86 25.71 -1.04
N LEU A 100 -1.18 25.31 -2.28
CA LEU A 100 -2.46 25.53 -2.92
C LEU A 100 -3.54 24.72 -2.22
N ILE A 101 -3.21 23.47 -1.86
CA ILE A 101 -4.12 22.57 -1.18
C ILE A 101 -4.27 23.04 0.28
N ARG A 102 -3.19 23.61 0.82
CA ARG A 102 -3.14 24.04 2.22
C ARG A 102 -4.14 25.17 2.45
N HIS A 103 -4.41 25.96 1.40
CA HIS A 103 -5.40 27.01 1.45
C HIS A 103 -6.81 26.45 1.20
N CYS A 104 -6.88 25.24 0.64
CA CYS A 104 -8.15 24.63 0.29
C CYS A 104 -8.73 23.86 1.48
N ASN A 105 -7.87 23.56 2.47
CA ASN A 105 -8.16 22.54 3.46
C ASN A 105 -9.45 22.86 4.21
N GLY A 106 -10.35 21.86 4.25
CA GLY A 106 -11.60 21.95 4.97
C GLY A 106 -12.69 22.66 4.17
N LYS A 107 -12.39 22.97 2.90
CA LYS A 107 -13.32 23.66 2.03
C LYS A 107 -13.61 22.82 0.80
N LEU A 108 -12.93 21.67 0.69
CA LEU A 108 -13.12 20.74 -0.40
C LEU A 108 -14.03 19.61 0.07
N GLY A 109 -15.27 19.61 -0.42
CA GLY A 109 -16.30 18.70 0.05
C GLY A 109 -16.31 18.65 1.58
N SER A 110 -16.23 17.44 2.13
CA SER A 110 -16.01 17.26 3.55
C SER A 110 -14.69 16.50 3.77
N TYR A 111 -13.68 16.88 2.99
CA TYR A 111 -12.37 16.23 3.01
C TYR A 111 -11.44 16.98 3.96
N LYS A 112 -10.57 16.21 4.63
CA LYS A 112 -9.47 16.74 5.43
C LYS A 112 -8.16 16.16 4.89
N ILE A 113 -7.49 16.94 4.04
CA ILE A 113 -6.21 16.55 3.46
C ILE A 113 -5.17 16.58 4.56
N ASN A 114 -4.54 15.42 4.81
CA ASN A 114 -3.56 15.27 5.88
C ASN A 114 -2.20 14.85 5.33
N GLY A 115 -2.09 14.75 4.00
CA GLY A 115 -0.84 14.32 3.37
C GLY A 115 -1.02 13.95 1.91
N ARG A 116 0.08 13.49 1.29
CA ARG A 116 0.08 13.20 -0.14
C ARG A 116 1.05 12.06 -0.44
N THR A 117 1.01 11.57 -1.69
CA THR A 117 2.02 10.67 -2.20
C THR A 117 3.18 11.52 -2.72
N LYS A 118 4.29 10.85 -3.03
CA LYS A 118 5.39 11.49 -3.74
C LYS A 118 4.91 11.87 -5.14
N ALA A 119 5.80 12.46 -5.93
CA ALA A 119 5.47 12.90 -7.28
C ALA A 119 5.70 11.76 -8.27
N MET A 120 4.65 11.40 -9.00
CA MET A 120 4.80 10.46 -10.09
C MET A 120 5.13 11.25 -11.36
N VAL A 121 6.35 11.02 -11.86
CA VAL A 121 6.77 11.55 -13.15
C VAL A 121 6.49 10.46 -14.19
N ALA A 122 5.63 10.79 -15.16
CA ALA A 122 5.19 9.80 -16.13
C ALA A 122 5.56 10.25 -17.54
N CYS A 123 5.95 9.26 -18.36
CA CYS A 123 6.36 9.48 -19.74
C CYS A 123 5.58 8.53 -20.65
N TYR A 124 4.75 9.10 -21.51
CA TYR A 124 4.22 8.37 -22.65
C TYR A 124 5.21 8.51 -23.80
N PRO A 125 5.82 7.39 -24.26
CA PRO A 125 6.95 7.45 -25.20
C PRO A 125 6.69 8.06 -26.58
N GLY A 126 5.41 8.10 -26.98
CA GLY A 126 5.00 8.77 -28.20
C GLY A 126 5.00 7.83 -29.41
N ASN A 127 4.81 6.52 -29.13
CA ASN A 127 4.80 5.51 -30.17
C ASN A 127 3.38 4.99 -30.38
N GLY A 128 2.39 5.74 -29.88
CA GLY A 128 0.99 5.38 -30.04
C GLY A 128 0.42 4.69 -28.82
N THR A 129 1.16 4.70 -27.71
CA THR A 129 0.66 4.21 -26.43
C THR A 129 -0.26 5.25 -25.78
N GLY A 130 -1.26 4.74 -25.06
CA GLY A 130 -2.09 5.54 -24.17
C GLY A 130 -2.34 4.78 -22.87
N TYR A 131 -3.46 5.10 -22.21
CA TYR A 131 -3.86 4.40 -21.00
C TYR A 131 -5.37 4.23 -21.00
N VAL A 132 -5.82 2.99 -20.82
CA VAL A 132 -7.23 2.63 -20.91
C VAL A 132 -8.02 3.33 -19.81
N ARG A 133 -9.34 3.45 -20.03
CA ARG A 133 -10.28 3.98 -19.06
C ARG A 133 -10.07 3.28 -17.73
N HIS A 134 -9.93 4.07 -16.66
CA HIS A 134 -9.66 3.57 -15.32
C HIS A 134 -10.15 4.59 -14.30
N VAL A 135 -10.19 4.15 -13.03
CA VAL A 135 -10.36 5.03 -11.88
C VAL A 135 -9.10 4.93 -11.04
N ASP A 136 -8.57 6.09 -10.63
CA ASP A 136 -7.36 6.15 -9.83
C ASP A 136 -7.56 5.40 -8.52
N ASN A 137 -8.59 5.80 -7.75
CA ASN A 137 -8.87 5.22 -6.44
C ASN A 137 -10.30 4.68 -6.42
N PRO A 138 -10.52 3.43 -6.90
CA PRO A 138 -11.86 2.84 -6.94
C PRO A 138 -12.30 2.12 -5.67
N ASN A 139 -11.35 1.86 -4.76
CA ASN A 139 -11.61 1.02 -3.59
C ASN A 139 -11.32 1.78 -2.30
N GLY A 140 -11.13 3.10 -2.40
CA GLY A 140 -10.95 3.93 -1.22
C GLY A 140 -9.65 3.61 -0.50
N ASP A 141 -8.51 3.92 -1.15
CA ASP A 141 -7.19 3.70 -0.58
C ASP A 141 -6.68 4.98 0.08
N GLY A 142 -7.51 6.03 0.07
CA GLY A 142 -7.23 7.24 0.82
C GLY A 142 -7.14 8.49 -0.07
N ARG A 143 -6.86 8.29 -1.36
CA ARG A 143 -6.61 9.40 -2.26
C ARG A 143 -7.92 9.99 -2.75
N CYS A 144 -8.10 11.29 -2.48
CA CYS A 144 -9.35 11.97 -2.85
C CYS A 144 -9.14 12.90 -4.04
N VAL A 145 -7.94 13.50 -4.16
CA VAL A 145 -7.69 14.46 -5.23
C VAL A 145 -6.46 14.03 -6.03
N THR A 146 -6.64 14.00 -7.36
CA THR A 146 -5.54 13.84 -8.30
C THR A 146 -5.08 15.22 -8.76
N CYS A 147 -3.77 15.48 -8.65
CA CYS A 147 -3.19 16.72 -9.13
C CYS A 147 -2.13 16.40 -10.17
N ILE A 148 -2.30 16.92 -11.39
CA ILE A 148 -1.39 16.66 -12.49
C ILE A 148 -0.86 17.96 -13.05
N TYR A 149 0.46 18.00 -13.29
CA TYR A 149 1.12 19.12 -13.96
C TYR A 149 1.69 18.63 -15.28
N TYR A 150 1.39 19.37 -16.36
CA TYR A 150 1.78 19.00 -17.72
C TYR A 150 2.95 19.85 -18.19
N LEU A 151 3.80 19.26 -19.05
CA LEU A 151 5.09 19.84 -19.39
C LEU A 151 5.29 19.92 -20.90
N ASN A 152 4.21 19.80 -21.67
CA ASN A 152 4.33 19.57 -23.10
C ASN A 152 4.13 20.88 -23.88
N LYS A 153 5.24 21.46 -24.35
CA LYS A 153 5.20 22.70 -25.12
C LYS A 153 4.56 22.45 -26.48
N ASP A 154 3.85 23.48 -26.98
CA ASP A 154 3.28 23.51 -28.32
C ASP A 154 2.61 22.17 -28.65
N TRP A 155 1.80 21.67 -27.71
CA TRP A 155 1.14 20.39 -27.89
C TRP A 155 -0.18 20.58 -28.64
N ASP A 156 -0.31 19.89 -29.78
CA ASP A 156 -1.53 19.91 -30.58
C ASP A 156 -2.11 18.50 -30.56
N ALA A 157 -3.24 18.36 -29.86
CA ALA A 157 -3.86 17.06 -29.61
C ALA A 157 -4.49 16.52 -30.89
N LYS A 158 -4.78 17.40 -31.85
CA LYS A 158 -5.39 17.02 -33.11
C LYS A 158 -4.50 16.03 -33.83
N VAL A 159 -3.17 16.24 -33.72
CA VAL A 159 -2.21 15.43 -34.43
C VAL A 159 -1.51 14.46 -33.46
N SER A 160 -1.00 15.00 -32.35
CA SER A 160 -0.15 14.24 -31.44
C SER A 160 -0.96 13.34 -30.52
N GLY A 161 -2.27 13.59 -30.43
CA GLY A 161 -3.16 12.83 -29.56
C GLY A 161 -2.93 13.18 -28.08
N GLY A 162 -2.97 12.15 -27.23
CA GLY A 162 -2.56 12.23 -25.84
C GLY A 162 -3.55 12.98 -24.95
N ILE A 163 -4.80 13.15 -25.44
CA ILE A 163 -5.85 13.80 -24.68
C ILE A 163 -6.19 12.98 -23.44
N LEU A 164 -6.31 13.64 -22.30
CA LEU A 164 -6.96 13.03 -21.15
C LEU A 164 -8.47 13.24 -21.27
N ARG A 165 -9.21 12.14 -21.35
CA ARG A 165 -10.67 12.19 -21.39
C ARG A 165 -11.21 11.72 -20.03
N ILE A 166 -11.92 12.63 -19.35
CA ILE A 166 -12.58 12.32 -18.10
C ILE A 166 -14.07 12.17 -18.38
N PHE A 167 -14.68 11.15 -17.77
CA PHE A 167 -16.11 10.90 -17.91
C PHE A 167 -16.78 11.16 -16.57
N PRO A 168 -17.14 12.43 -16.24
CA PRO A 168 -17.72 12.76 -14.93
C PRO A 168 -19.05 12.05 -14.71
N GLU A 169 -19.14 11.30 -13.60
CA GLU A 169 -20.27 10.48 -13.23
C GLU A 169 -21.55 11.31 -13.25
N GLY A 170 -22.59 10.75 -13.88
CA GLY A 170 -23.91 11.38 -13.88
C GLY A 170 -24.19 12.14 -15.18
N LYS A 171 -23.29 13.08 -15.50
CA LYS A 171 -23.44 13.94 -16.67
C LYS A 171 -23.36 13.11 -17.95
N ALA A 172 -24.11 13.54 -18.97
CA ALA A 172 -24.09 12.91 -20.29
C ALA A 172 -23.15 13.68 -21.20
N GLN A 173 -21.86 13.71 -20.80
CA GLN A 173 -20.82 14.43 -21.50
C GLN A 173 -19.47 14.10 -20.85
N PHE A 174 -18.39 14.25 -21.63
CA PHE A 174 -17.03 14.01 -21.15
C PHE A 174 -16.26 15.32 -21.16
N ALA A 175 -15.12 15.32 -20.46
CA ALA A 175 -14.19 16.44 -20.47
C ALA A 175 -12.91 16.02 -21.21
N ASP A 176 -12.45 16.89 -22.10
CA ASP A 176 -11.23 16.68 -22.87
C ASP A 176 -10.18 17.68 -22.44
N ILE A 177 -9.04 17.17 -21.97
CA ILE A 177 -7.99 18.02 -21.42
C ILE A 177 -6.67 17.74 -22.15
N GLU A 178 -6.22 18.74 -22.91
CA GLU A 178 -4.93 18.72 -23.58
C GLU A 178 -3.82 18.78 -22.52
N PRO A 179 -2.73 17.98 -22.67
CA PRO A 179 -1.62 18.01 -21.74
C PRO A 179 -0.72 19.23 -21.98
N LYS A 180 -1.35 20.41 -22.00
CA LYS A 180 -0.74 21.68 -22.38
C LYS A 180 0.34 22.09 -21.37
N PHE A 181 1.46 22.60 -21.88
CA PHE A 181 2.57 23.08 -21.08
C PHE A 181 2.07 24.00 -19.96
N ASP A 182 2.60 23.78 -18.75
CA ASP A 182 2.40 24.68 -17.61
C ASP A 182 0.94 24.65 -17.15
N ARG A 183 0.25 23.54 -17.40
CA ARG A 183 -1.14 23.40 -17.00
C ARG A 183 -1.22 22.53 -15.74
N LEU A 184 -2.11 22.94 -14.82
CA LEU A 184 -2.34 22.23 -13.58
C LEU A 184 -3.79 21.76 -13.53
N LEU A 185 -3.97 20.46 -13.24
CA LEU A 185 -5.28 19.83 -13.24
C LEU A 185 -5.57 19.20 -11.88
N PHE A 186 -6.80 19.42 -11.41
CA PHE A 186 -7.33 18.79 -10.20
C PHE A 186 -8.62 18.05 -10.56
N PHE A 187 -8.75 16.83 -10.03
CA PHE A 187 -10.00 16.09 -10.12
C PHE A 187 -10.10 15.06 -8.98
N TRP A 188 -11.34 14.74 -8.59
CA TRP A 188 -11.60 13.72 -7.59
C TRP A 188 -11.06 12.38 -8.08
N SER A 189 -10.35 11.67 -7.20
CA SER A 189 -9.65 10.44 -7.55
C SER A 189 -10.61 9.27 -7.71
N ASP A 190 -11.77 9.35 -7.06
CA ASP A 190 -12.69 8.22 -6.92
C ASP A 190 -13.47 7.98 -8.22
N ARG A 191 -14.60 7.26 -8.06
CA ARG A 191 -15.32 6.66 -9.17
C ARG A 191 -16.16 7.71 -9.89
N ARG A 192 -16.10 8.95 -9.41
CA ARG A 192 -16.78 10.06 -10.04
C ARG A 192 -16.07 10.43 -11.34
N ASN A 193 -14.76 10.12 -11.40
CA ASN A 193 -13.92 10.56 -12.51
C ASN A 193 -13.16 9.39 -13.12
N PRO A 194 -13.84 8.50 -13.88
CA PRO A 194 -13.15 7.56 -14.77
C PRO A 194 -12.51 8.38 -15.89
N HIS A 195 -11.34 7.95 -16.34
CA HIS A 195 -10.59 8.72 -17.34
C HIS A 195 -9.65 7.81 -18.12
N GLU A 196 -9.34 8.23 -19.34
CA GLU A 196 -8.42 7.51 -20.22
C GLU A 196 -7.44 8.51 -20.85
N VAL A 197 -6.21 8.05 -21.07
CA VAL A 197 -5.25 8.78 -21.89
C VAL A 197 -5.30 8.17 -23.28
N GLN A 198 -5.74 8.97 -24.26
CA GLN A 198 -5.82 8.52 -25.63
C GLN A 198 -4.42 8.37 -26.21
N PRO A 199 -4.23 7.52 -27.25
CA PRO A 199 -2.90 7.30 -27.84
C PRO A 199 -2.16 8.60 -28.17
N ALA A 200 -0.87 8.63 -27.80
CA ALA A 200 -0.03 9.79 -28.01
C ALA A 200 1.07 9.45 -29.02
N TYR A 201 1.29 10.39 -29.96
CA TYR A 201 2.22 10.19 -31.07
C TYR A 201 3.36 11.19 -30.94
N ALA A 202 3.61 11.61 -29.69
CA ALA A 202 4.69 12.50 -29.34
C ALA A 202 4.99 12.29 -27.85
N THR A 203 6.26 12.42 -27.46
CA THR A 203 6.63 12.23 -26.07
C THR A 203 5.79 13.17 -25.21
N ARG A 204 5.16 12.59 -24.19
CA ARG A 204 4.14 13.25 -23.39
C ARG A 204 4.51 13.10 -21.91
N TYR A 205 4.66 14.24 -21.24
CA TYR A 205 5.23 14.27 -19.90
C TYR A 205 4.22 14.89 -18.95
N ALA A 206 4.13 14.31 -17.75
CA ALA A 206 3.25 14.81 -16.70
C ALA A 206 3.82 14.43 -15.34
N ILE A 207 3.47 15.24 -14.32
CA ILE A 207 3.79 14.97 -12.93
C ILE A 207 2.50 14.97 -12.13
N THR A 208 2.28 13.90 -11.35
CA THR A 208 1.07 13.70 -10.58
C THR A 208 1.40 13.57 -9.10
N VAL A 209 0.61 14.24 -8.26
CA VAL A 209 0.55 13.93 -6.84
C VAL A 209 -0.92 13.67 -6.46
N TRP A 210 -1.11 12.70 -5.57
CA TRP A 210 -2.42 12.39 -5.01
C TRP A 210 -2.46 12.87 -3.57
N TYR A 211 -3.60 13.45 -3.17
CA TYR A 211 -3.79 13.96 -1.82
C TYR A 211 -4.71 13.02 -1.04
N PHE A 212 -4.37 12.82 0.25
CA PHE A 212 -5.04 11.87 1.12
C PHE A 212 -6.05 12.59 2.02
N ASP A 213 -7.26 12.02 2.09
CA ASP A 213 -8.25 12.39 3.09
C ASP A 213 -8.00 11.58 4.35
N ALA A 214 -8.01 12.27 5.50
CA ALA A 214 -7.67 11.66 6.78
C ALA A 214 -8.56 10.44 7.06
N ASP A 215 -9.87 10.62 6.93
CA ASP A 215 -10.85 9.62 7.30
C ASP A 215 -10.75 8.39 6.39
N GLU A 216 -10.68 8.60 5.07
CA GLU A 216 -10.66 7.49 4.14
C GLU A 216 -9.34 6.76 4.23
N ARG A 217 -8.27 7.52 4.52
CA ARG A 217 -6.93 6.96 4.67
C ARG A 217 -6.87 6.08 5.92
N ALA A 218 -7.55 6.52 6.98
CA ALA A 218 -7.65 5.76 8.22
C ALA A 218 -8.32 4.43 7.96
N ARG A 219 -9.42 4.46 7.17
CA ARG A 219 -10.18 3.26 6.83
C ARG A 219 -9.33 2.35 5.95
N ALA A 220 -8.57 2.95 5.02
CA ALA A 220 -7.76 2.20 4.07
C ALA A 220 -6.63 1.47 4.78
N LYS A 221 -5.94 2.16 5.70
CA LYS A 221 -4.79 1.59 6.41
C LYS A 221 -5.23 0.35 7.19
N VAL A 222 -6.55 0.18 7.37
CA VAL A 222 -7.13 -0.89 8.16
C VAL A 222 -7.43 -2.11 7.30
N LYS A 223 -7.63 -1.93 5.99
CA LYS A 223 -8.06 -3.06 5.19
C LYS A 223 -7.10 -3.39 4.05
N TYR A 224 -6.17 -2.49 3.72
CA TYR A 224 -5.29 -2.70 2.58
C TYR A 224 -3.83 -2.62 2.99
N LEU A 225 -2.98 -3.31 2.21
CA LEU A 225 -1.54 -3.32 2.42
C LEU A 225 -0.93 -2.04 1.87
N THR A 226 -1.29 -0.93 2.52
CA THR A 226 -0.82 0.40 2.18
C THR A 226 -0.21 1.03 3.43
N GLY A 227 0.63 2.06 3.24
CA GLY A 227 1.33 2.68 4.34
C GLY A 227 2.69 2.02 4.57
N GLU A 228 3.32 2.35 5.70
CA GLU A 228 4.62 1.83 6.09
C GLU A 228 4.63 0.30 6.04
N LYS A 229 3.50 -0.32 6.37
CA LYS A 229 3.40 -1.77 6.48
C LYS A 229 3.41 -2.41 5.09
N GLY A 230 3.07 -1.62 4.06
CA GLY A 230 3.04 -2.09 2.68
C GLY A 230 4.41 -2.02 2.01
N VAL A 231 5.46 -1.90 2.82
CA VAL A 231 6.83 -1.78 2.33
C VAL A 231 7.52 -3.13 2.49
N ARG A 232 8.08 -3.64 1.38
CA ARG A 232 8.81 -4.89 1.33
C ARG A 232 10.03 -4.81 2.24
N VAL A 233 10.29 -5.90 2.97
CA VAL A 233 11.54 -6.09 3.68
C VAL A 233 12.20 -7.35 3.11
N GLU A 234 13.53 -7.31 2.96
CA GLU A 234 14.28 -8.49 2.55
C GLU A 234 14.42 -9.43 3.75
N LEU A 235 14.61 -10.72 3.45
CA LEU A 235 14.77 -11.74 4.48
C LEU A 235 16.13 -11.56 5.16
N LEU B 9 15.95 -29.08 16.93
CA LEU B 9 15.60 -29.39 15.51
C LEU B 9 16.00 -28.21 14.63
N PRO B 10 16.98 -28.39 13.71
CA PRO B 10 17.47 -27.29 12.87
C PRO B 10 16.46 -26.89 11.80
N ALA B 11 16.64 -25.68 11.26
CA ALA B 11 15.73 -25.08 10.30
C ALA B 11 15.49 -26.00 9.11
N LEU B 12 16.58 -26.51 8.51
CA LEU B 12 16.51 -27.26 7.28
C LEU B 12 15.69 -28.55 7.48
N LYS B 13 15.97 -29.24 8.58
CA LYS B 13 15.28 -30.49 8.92
C LYS B 13 13.79 -30.20 9.03
N LEU B 14 13.43 -29.17 9.79
CA LEU B 14 12.04 -28.81 10.01
C LEU B 14 11.38 -28.33 8.73
N ALA B 15 12.14 -27.60 7.90
CA ALA B 15 11.58 -27.01 6.69
C ALA B 15 11.24 -28.10 5.67
N LEU B 16 12.14 -29.10 5.55
CA LEU B 16 12.03 -30.10 4.49
C LEU B 16 11.23 -31.31 4.96
N GLU B 17 11.35 -31.65 6.26
CA GLU B 17 10.71 -32.86 6.76
C GLU B 17 9.24 -32.62 7.04
N TYR B 18 8.85 -31.37 7.30
CA TYR B 18 7.49 -31.10 7.71
C TYR B 18 6.83 -29.97 6.93
N ILE B 19 7.37 -28.75 7.03
CA ILE B 19 6.65 -27.55 6.60
C ILE B 19 6.29 -27.66 5.12
N VAL B 20 7.28 -27.98 4.28
CA VAL B 20 7.12 -28.04 2.83
C VAL B 20 6.11 -29.12 2.45
N PRO B 21 6.28 -30.39 2.90
CA PRO B 21 5.30 -31.45 2.61
C PRO B 21 3.89 -31.06 3.08
N CYS B 22 3.82 -30.48 4.28
CA CYS B 22 2.55 -30.10 4.88
C CYS B 22 1.87 -29.02 4.04
N MET B 23 2.63 -28.00 3.63
CA MET B 23 2.03 -26.86 2.95
C MET B 23 1.46 -27.30 1.60
N ASN B 24 2.20 -28.18 0.90
CA ASN B 24 1.82 -28.64 -0.42
C ASN B 24 0.62 -29.58 -0.35
N LYS B 25 0.40 -30.17 0.83
CA LYS B 25 -0.67 -31.14 1.02
C LYS B 25 -1.91 -30.45 1.61
N HIS B 26 -1.70 -29.64 2.66
CA HIS B 26 -2.78 -29.12 3.48
C HIS B 26 -2.99 -27.63 3.27
N GLY B 27 -1.88 -26.88 3.18
CA GLY B 27 -1.94 -25.43 3.06
C GLY B 27 -2.10 -24.73 4.41
N ILE B 28 -2.05 -25.54 5.48
CA ILE B 28 -2.12 -25.07 6.85
C ILE B 28 -1.20 -25.96 7.67
N CYS B 29 -0.25 -25.33 8.39
CA CYS B 29 0.82 -26.06 9.05
C CYS B 29 1.14 -25.42 10.40
N VAL B 30 1.27 -26.26 11.42
CA VAL B 30 1.55 -25.80 12.78
C VAL B 30 2.79 -26.52 13.30
N VAL B 31 3.66 -25.75 13.97
CA VAL B 31 4.78 -26.31 14.71
C VAL B 31 4.66 -25.85 16.16
N ASP B 32 4.48 -26.82 17.07
CA ASP B 32 4.41 -26.55 18.50
C ASP B 32 5.81 -26.54 19.09
N ASP B 33 5.98 -25.76 20.15
CA ASP B 33 7.21 -25.70 20.94
C ASP B 33 8.35 -25.21 20.06
N PHE B 34 8.09 -24.13 19.30
CA PHE B 34 8.98 -23.67 18.25
C PHE B 34 10.32 -23.21 18.84
N LEU B 35 10.26 -22.34 19.87
CA LEU B 35 11.45 -21.67 20.39
C LEU B 35 11.75 -22.13 21.82
N GLY B 36 10.80 -22.81 22.46
CA GLY B 36 10.97 -23.27 23.83
C GLY B 36 10.39 -22.28 24.84
N LYS B 37 10.42 -22.67 26.12
CA LYS B 37 9.75 -21.93 27.18
C LYS B 37 10.43 -20.57 27.39
N GLU B 38 11.76 -20.58 27.50
CA GLU B 38 12.51 -19.39 27.89
C GLU B 38 12.35 -18.29 26.84
N THR B 39 12.68 -18.62 25.58
CA THR B 39 12.56 -17.68 24.47
C THR B 39 11.11 -17.22 24.34
N GLY B 40 10.18 -18.16 24.52
CA GLY B 40 8.76 -17.93 24.34
C GLY B 40 8.24 -16.80 25.23
N GLN B 41 8.63 -16.83 26.51
CA GLN B 41 8.10 -15.89 27.49
C GLN B 41 8.87 -14.57 27.44
N GLN B 42 10.11 -14.60 26.93
CA GLN B 42 10.85 -13.38 26.63
C GLN B 42 10.08 -12.55 25.61
N ILE B 43 9.57 -13.22 24.57
CA ILE B 43 8.79 -12.57 23.52
C ILE B 43 7.52 -11.98 24.13
N GLY B 44 6.89 -12.75 25.04
CA GLY B 44 5.73 -12.28 25.78
C GLY B 44 6.03 -10.97 26.52
N ASP B 45 7.15 -10.95 27.25
CA ASP B 45 7.62 -9.78 27.97
C ASP B 45 7.76 -8.60 27.02
N GLU B 46 8.41 -8.83 25.87
CA GLU B 46 8.70 -7.79 24.90
C GLU B 46 7.40 -7.23 24.33
N VAL B 47 6.46 -8.12 23.99
CA VAL B 47 5.17 -7.72 23.45
C VAL B 47 4.38 -6.94 24.51
N ARG B 48 4.44 -7.43 25.76
CA ARG B 48 3.82 -6.71 26.87
C ARG B 48 4.43 -5.33 27.05
N ALA B 49 5.75 -5.22 26.83
CA ALA B 49 6.47 -3.96 27.01
C ALA B 49 6.04 -2.94 25.96
N LEU B 50 5.74 -3.39 24.74
CA LEU B 50 5.21 -2.54 23.68
C LEU B 50 3.90 -1.91 24.14
N HIS B 51 3.13 -2.67 24.93
CA HIS B 51 1.82 -2.27 25.42
C HIS B 51 1.99 -1.31 26.61
N ASP B 52 2.86 -1.69 27.54
CA ASP B 52 3.12 -0.94 28.77
C ASP B 52 3.56 0.49 28.44
N THR B 53 4.60 0.61 27.60
CA THR B 53 5.21 1.88 27.30
C THR B 53 4.45 2.56 26.14
N GLY B 74 -11.29 -2.22 21.48
CA GLY B 74 -10.91 -2.55 20.09
C GLY B 74 -9.50 -3.15 20.01
N ASP B 75 -9.05 -3.40 18.77
CA ASP B 75 -7.77 -4.04 18.50
C ASP B 75 -6.62 -3.17 18.99
N LYS B 76 -5.47 -3.80 19.20
CA LYS B 76 -4.21 -3.10 19.38
C LYS B 76 -3.17 -3.71 18.44
N ILE B 77 -2.82 -2.97 17.38
CA ILE B 77 -1.85 -3.44 16.40
C ILE B 77 -0.68 -2.46 16.37
N THR B 78 0.53 -3.02 16.34
CA THR B 78 1.76 -2.27 16.15
C THR B 78 2.69 -3.06 15.24
N TRP B 79 3.36 -2.36 14.32
CA TRP B 79 4.29 -2.98 13.40
C TRP B 79 5.72 -2.77 13.86
N ILE B 80 6.51 -3.84 13.79
CA ILE B 80 7.84 -3.96 14.38
C ILE B 80 8.80 -4.52 13.34
N GLU B 81 9.98 -3.91 13.25
CA GLU B 81 10.98 -4.30 12.26
C GLU B 81 11.81 -5.46 12.81
N GLY B 82 11.98 -5.49 14.14
CA GLY B 82 12.69 -6.56 14.81
C GLY B 82 14.06 -6.11 15.31
N LYS B 83 14.41 -4.85 15.05
CA LYS B 83 15.70 -4.32 15.47
C LYS B 83 15.51 -3.03 16.26
N GLU B 84 14.28 -2.85 16.78
CA GLU B 84 13.98 -1.80 17.74
C GLU B 84 14.50 -2.24 19.11
N PRO B 85 14.89 -1.29 19.99
CA PRO B 85 15.32 -1.63 21.34
C PRO B 85 14.15 -2.25 22.12
N GLY B 86 14.43 -3.36 22.80
CA GLY B 86 13.42 -4.07 23.58
C GLY B 86 12.67 -5.10 22.75
N CYS B 87 13.06 -5.28 21.48
CA CYS B 87 12.39 -6.19 20.57
C CYS B 87 13.38 -7.22 20.02
N GLU B 88 14.38 -7.57 20.84
CA GLU B 88 15.51 -8.38 20.40
C GLU B 88 15.03 -9.80 20.13
N THR B 89 14.24 -10.35 21.05
CA THR B 89 13.80 -11.73 20.95
C THR B 89 12.76 -11.86 19.84
N ILE B 90 11.95 -10.82 19.64
CA ILE B 90 11.08 -10.74 18.48
C ILE B 90 11.95 -10.79 17.21
N GLY B 91 13.07 -10.08 17.24
CA GLY B 91 14.03 -10.10 16.14
C GLY B 91 14.54 -11.51 15.89
N LEU B 92 14.76 -12.26 16.98
CA LEU B 92 15.24 -13.64 16.92
C LEU B 92 14.18 -14.52 16.24
N LEU B 93 12.91 -14.30 16.61
CA LEU B 93 11.76 -15.03 16.10
C LEU B 93 11.62 -14.80 14.59
N MET B 94 11.79 -13.56 14.16
CA MET B 94 11.68 -13.18 12.76
C MET B 94 12.82 -13.80 11.96
N SER B 95 14.01 -13.85 12.58
CA SER B 95 15.17 -14.52 12.01
C SER B 95 14.87 -16.00 11.75
N SER B 96 14.33 -16.67 12.78
CA SER B 96 14.06 -18.10 12.74
C SER B 96 13.00 -18.41 11.68
N MET B 97 12.06 -17.47 11.52
CA MET B 97 11.01 -17.56 10.52
C MET B 97 11.62 -17.51 9.13
N ASP B 98 12.55 -16.56 8.93
CA ASP B 98 13.21 -16.33 7.66
C ASP B 98 14.05 -17.54 7.25
N ASP B 99 14.78 -18.12 8.22
CA ASP B 99 15.56 -19.33 8.01
C ASP B 99 14.68 -20.41 7.36
N LEU B 100 13.55 -20.72 8.01
CA LEU B 100 12.62 -21.75 7.59
C LEU B 100 12.20 -21.54 6.14
N ILE B 101 11.80 -20.31 5.81
CA ILE B 101 11.29 -19.94 4.51
C ILE B 101 12.42 -19.94 3.49
N ARG B 102 13.63 -19.61 3.96
CA ARG B 102 14.82 -19.67 3.12
C ARG B 102 15.03 -21.10 2.64
N HIS B 103 14.70 -22.07 3.51
CA HIS B 103 14.88 -23.48 3.20
C HIS B 103 13.69 -24.02 2.42
N CYS B 104 12.57 -23.28 2.44
CA CYS B 104 11.34 -23.70 1.77
C CYS B 104 11.31 -23.17 0.34
N ASN B 105 12.16 -22.18 0.07
CA ASN B 105 12.11 -21.41 -1.17
C ASN B 105 12.29 -22.35 -2.36
N GLY B 106 11.40 -22.19 -3.35
CA GLY B 106 11.46 -22.97 -4.59
C GLY B 106 10.75 -24.31 -4.46
N LYS B 107 10.25 -24.61 -3.26
CA LYS B 107 9.68 -25.92 -2.96
C LYS B 107 8.23 -25.76 -2.52
N LEU B 108 7.78 -24.52 -2.31
CA LEU B 108 6.41 -24.23 -1.91
C LEU B 108 5.61 -23.80 -3.13
N GLY B 109 4.84 -24.75 -3.68
CA GLY B 109 4.11 -24.51 -4.92
C GLY B 109 5.05 -23.94 -5.98
N SER B 110 4.62 -22.85 -6.61
CA SER B 110 5.42 -22.19 -7.63
C SER B 110 5.80 -20.79 -7.18
N TYR B 111 6.02 -20.63 -5.88
CA TYR B 111 6.31 -19.32 -5.32
C TYR B 111 7.82 -19.10 -5.22
N LYS B 112 8.23 -17.85 -5.45
CA LYS B 112 9.57 -17.37 -5.13
C LYS B 112 9.48 -16.26 -4.09
N ILE B 113 9.79 -16.61 -2.83
CA ILE B 113 9.71 -15.66 -1.73
C ILE B 113 10.95 -14.77 -1.77
N ASN B 114 10.76 -13.49 -2.11
CA ASN B 114 11.86 -12.55 -2.28
C ASN B 114 11.87 -11.52 -1.16
N GLY B 115 10.89 -11.61 -0.26
CA GLY B 115 10.80 -10.67 0.85
C GLY B 115 9.57 -10.92 1.72
N ARG B 116 9.42 -10.09 2.76
CA ARG B 116 8.30 -10.20 3.68
C ARG B 116 7.87 -8.81 4.13
N THR B 117 6.70 -8.75 4.81
CA THR B 117 6.30 -7.55 5.53
C THR B 117 7.06 -7.52 6.85
N LYS B 118 6.92 -6.41 7.58
CA LYS B 118 7.40 -6.37 8.96
C LYS B 118 6.48 -7.24 9.80
N ALA B 119 6.80 -7.35 11.10
CA ALA B 119 5.97 -8.12 12.01
C ALA B 119 4.78 -7.28 12.45
N MET B 120 3.58 -7.82 12.29
CA MET B 120 2.38 -7.25 12.90
C MET B 120 2.22 -7.87 14.28
N VAL B 121 2.38 -7.03 15.32
CA VAL B 121 2.15 -7.45 16.70
C VAL B 121 0.70 -7.09 17.04
N ALA B 122 -0.11 -8.13 17.31
CA ALA B 122 -1.54 -7.94 17.46
C ALA B 122 -2.01 -8.38 18.84
N CYS B 123 -2.85 -7.53 19.43
CA CYS B 123 -3.48 -7.81 20.71
C CYS B 123 -5.00 -7.81 20.54
N TYR B 124 -5.63 -8.91 20.93
CA TYR B 124 -7.06 -8.96 21.17
C TYR B 124 -7.29 -8.78 22.66
N PRO B 125 -7.81 -7.60 23.09
CA PRO B 125 -7.84 -7.22 24.51
C PRO B 125 -8.45 -8.23 25.49
N GLY B 126 -9.51 -8.92 25.09
CA GLY B 126 -10.06 -9.97 25.94
C GLY B 126 -11.41 -9.61 26.55
N ASN B 127 -12.07 -8.61 25.96
CA ASN B 127 -13.44 -8.24 26.28
C ASN B 127 -14.36 -8.82 25.21
N GLY B 128 -13.99 -9.99 24.68
CA GLY B 128 -14.77 -10.68 23.67
C GLY B 128 -14.42 -10.24 22.25
N THR B 129 -13.19 -9.73 22.06
CA THR B 129 -12.74 -9.24 20.78
C THR B 129 -12.46 -10.43 19.86
N GLY B 130 -12.91 -10.33 18.62
CA GLY B 130 -12.59 -11.29 17.58
C GLY B 130 -12.33 -10.60 16.25
N TYR B 131 -12.44 -11.36 15.15
CA TYR B 131 -12.31 -10.81 13.82
C TYR B 131 -13.11 -11.66 12.83
N VAL B 132 -13.79 -10.98 11.91
CA VAL B 132 -14.69 -11.60 10.95
C VAL B 132 -13.92 -12.53 10.01
N ARG B 133 -14.67 -13.43 9.38
CA ARG B 133 -14.19 -14.30 8.31
C ARG B 133 -13.66 -13.43 7.17
N HIS B 134 -12.39 -13.65 6.82
CA HIS B 134 -11.72 -12.78 5.86
C HIS B 134 -10.66 -13.58 5.10
N VAL B 135 -10.21 -12.99 3.99
CA VAL B 135 -9.06 -13.48 3.22
C VAL B 135 -7.95 -12.45 3.33
N ASP B 136 -6.78 -12.89 3.81
CA ASP B 136 -5.64 -12.01 4.00
C ASP B 136 -5.31 -11.28 2.69
N ASN B 137 -5.03 -12.05 1.64
CA ASN B 137 -4.68 -11.47 0.34
C ASN B 137 -5.69 -11.92 -0.71
N PRO B 138 -6.83 -11.20 -0.87
CA PRO B 138 -7.83 -11.57 -1.86
C PRO B 138 -7.56 -11.09 -3.29
N ASN B 139 -6.80 -10.00 -3.44
CA ASN B 139 -6.70 -9.33 -4.73
C ASN B 139 -5.29 -9.39 -5.30
N GLY B 140 -4.40 -10.16 -4.67
CA GLY B 140 -3.05 -10.36 -5.17
C GLY B 140 -2.15 -9.14 -4.91
N ASP B 141 -1.95 -8.84 -3.62
CA ASP B 141 -1.08 -7.76 -3.19
C ASP B 141 0.36 -8.27 -3.02
N GLY B 142 0.57 -9.55 -3.32
CA GLY B 142 1.91 -10.10 -3.38
C GLY B 142 2.19 -11.12 -2.28
N ARG B 143 1.28 -11.21 -1.30
CA ARG B 143 1.48 -12.05 -0.13
C ARG B 143 1.00 -13.46 -0.43
N CYS B 144 1.85 -14.46 -0.16
CA CYS B 144 1.52 -15.83 -0.48
C CYS B 144 1.48 -16.71 0.77
N VAL B 145 2.29 -16.38 1.78
CA VAL B 145 2.33 -17.18 3.01
C VAL B 145 2.17 -16.29 4.23
N THR B 146 1.16 -16.59 5.05
CA THR B 146 0.98 -15.99 6.35
C THR B 146 1.70 -16.85 7.39
N CYS B 147 2.41 -16.19 8.32
CA CYS B 147 3.15 -16.87 9.36
C CYS B 147 2.85 -16.22 10.71
N ILE B 148 2.25 -16.98 11.63
CA ILE B 148 1.81 -16.44 12.91
C ILE B 148 2.47 -17.19 14.06
N TYR B 149 2.91 -16.43 15.07
CA TYR B 149 3.45 -16.99 16.29
C TYR B 149 2.60 -16.56 17.48
N TYR B 150 2.24 -17.52 18.34
CA TYR B 150 1.39 -17.25 19.50
C TYR B 150 2.21 -17.27 20.78
N LEU B 151 1.77 -16.49 21.78
CA LEU B 151 2.57 -16.17 22.96
C LEU B 151 1.81 -16.51 24.23
N ASN B 152 0.58 -17.03 24.09
CA ASN B 152 -0.39 -16.99 25.16
C ASN B 152 -0.20 -18.17 26.10
N LYS B 153 0.53 -17.93 27.20
CA LYS B 153 0.79 -18.91 28.24
C LYS B 153 -0.51 -19.49 28.80
N ASP B 154 -0.58 -20.83 28.88
CA ASP B 154 -1.63 -21.60 29.52
C ASP B 154 -3.01 -21.19 29.01
N TRP B 155 -3.11 -21.00 27.69
CA TRP B 155 -4.35 -20.62 27.06
C TRP B 155 -5.30 -21.82 27.02
N ASP B 156 -6.55 -21.59 27.42
CA ASP B 156 -7.59 -22.59 27.32
C ASP B 156 -8.75 -22.02 26.51
N ALA B 157 -8.94 -22.56 25.31
CA ALA B 157 -9.93 -22.07 24.36
C ALA B 157 -11.35 -22.33 24.87
N LYS B 158 -11.49 -23.31 25.76
CA LYS B 158 -12.80 -23.67 26.30
C LYS B 158 -13.30 -22.54 27.20
N VAL B 159 -12.36 -21.80 27.81
CA VAL B 159 -12.69 -20.70 28.70
C VAL B 159 -12.45 -19.37 27.99
N SER B 160 -11.30 -19.25 27.29
CA SER B 160 -10.83 -17.97 26.79
C SER B 160 -11.25 -17.74 25.33
N GLY B 161 -11.66 -18.82 24.66
CA GLY B 161 -11.96 -18.75 23.22
C GLY B 161 -10.73 -18.37 22.41
N GLY B 162 -10.91 -17.46 21.44
CA GLY B 162 -9.82 -16.92 20.66
C GLY B 162 -9.25 -17.91 19.65
N ILE B 163 -10.02 -18.96 19.32
CA ILE B 163 -9.63 -19.90 18.29
C ILE B 163 -9.64 -19.19 16.94
N LEU B 164 -8.59 -19.44 16.15
CA LEU B 164 -8.60 -19.11 14.74
C LEU B 164 -9.13 -20.33 13.97
N ARG B 165 -10.19 -20.10 13.20
CA ARG B 165 -10.79 -21.14 12.37
C ARG B 165 -10.55 -20.79 10.91
N ILE B 166 -9.94 -21.75 10.18
CA ILE B 166 -9.64 -21.58 8.77
C ILE B 166 -10.53 -22.53 7.97
N PHE B 167 -11.12 -22.01 6.89
CA PHE B 167 -12.04 -22.76 6.06
C PHE B 167 -11.37 -23.09 4.72
N PRO B 168 -10.60 -24.20 4.62
CA PRO B 168 -9.84 -24.52 3.41
C PRO B 168 -10.77 -24.70 2.21
N GLU B 169 -10.55 -23.88 1.19
CA GLU B 169 -11.34 -23.87 -0.04
C GLU B 169 -11.41 -25.29 -0.60
N GLY B 170 -12.64 -25.81 -0.74
CA GLY B 170 -12.88 -27.11 -1.35
C GLY B 170 -13.38 -28.14 -0.35
N LYS B 171 -12.64 -28.33 0.74
CA LYS B 171 -12.92 -29.34 1.74
C LYS B 171 -14.16 -28.96 2.55
N ALA B 172 -14.98 -29.98 2.86
CA ALA B 172 -16.16 -29.80 3.69
C ALA B 172 -15.78 -29.99 5.16
N GLN B 173 -14.76 -29.22 5.59
CA GLN B 173 -14.29 -29.21 6.96
C GLN B 173 -13.54 -27.90 7.20
N PHE B 174 -13.27 -27.60 8.46
CA PHE B 174 -12.51 -26.42 8.85
C PHE B 174 -11.31 -26.87 9.71
N ALA B 175 -10.40 -25.93 9.98
CA ALA B 175 -9.28 -26.18 10.87
C ALA B 175 -9.31 -25.20 12.03
N ASP B 176 -9.24 -25.73 13.25
CA ASP B 176 -9.20 -24.93 14.46
C ASP B 176 -7.77 -24.85 14.97
N ILE B 177 -7.26 -23.62 15.10
CA ILE B 177 -5.95 -23.35 15.67
C ILE B 177 -6.14 -22.52 16.93
N GLU B 178 -5.89 -23.12 18.10
CA GLU B 178 -5.91 -22.37 19.33
C GLU B 178 -4.59 -21.60 19.46
N PRO B 179 -4.62 -20.33 19.93
CA PRO B 179 -3.42 -19.50 20.01
C PRO B 179 -2.50 -19.94 21.17
N LYS B 180 -2.05 -21.20 21.08
CA LYS B 180 -1.24 -21.84 22.10
C LYS B 180 0.13 -21.16 22.15
N PHE B 181 0.64 -20.98 23.37
CA PHE B 181 1.99 -20.54 23.65
C PHE B 181 2.99 -21.30 22.77
N ASP B 182 3.89 -20.55 22.11
CA ASP B 182 5.05 -21.10 21.41
C ASP B 182 4.62 -21.88 20.17
N ARG B 183 3.51 -21.45 19.55
CA ARG B 183 2.99 -22.13 18.38
C ARG B 183 3.27 -21.29 17.13
N LEU B 184 3.73 -21.96 16.08
CA LEU B 184 4.02 -21.33 14.80
C LEU B 184 3.03 -21.85 13.76
N LEU B 185 2.43 -20.93 13.00
CA LEU B 185 1.43 -21.29 12.00
C LEU B 185 1.80 -20.70 10.64
N PHE B 186 1.67 -21.51 9.60
CA PHE B 186 1.82 -21.10 8.21
C PHE B 186 0.58 -21.51 7.44
N PHE B 187 0.07 -20.63 6.58
CA PHE B 187 -1.02 -20.97 5.68
C PHE B 187 -1.01 -20.04 4.46
N TRP B 188 -1.56 -20.53 3.35
CA TRP B 188 -1.66 -19.74 2.12
C TRP B 188 -2.49 -18.50 2.40
N SER B 189 -2.01 -17.35 1.91
CA SER B 189 -2.60 -16.06 2.21
C SER B 189 -3.83 -15.78 1.34
N ASP B 190 -3.95 -16.50 0.21
CA ASP B 190 -4.97 -16.19 -0.79
C ASP B 190 -6.33 -16.78 -0.42
N ARG B 191 -7.21 -16.87 -1.43
CA ARG B 191 -8.63 -17.12 -1.26
C ARG B 191 -8.87 -18.55 -0.77
N ARG B 192 -7.83 -19.38 -0.82
CA ARG B 192 -7.91 -20.76 -0.37
C ARG B 192 -8.16 -20.82 1.13
N ASN B 193 -7.74 -19.78 1.87
CA ASN B 193 -7.81 -19.82 3.32
C ASN B 193 -8.58 -18.64 3.89
N PRO B 194 -9.93 -18.58 3.73
CA PRO B 194 -10.76 -17.68 4.52
C PRO B 194 -10.70 -18.12 5.98
N HIS B 195 -10.62 -17.15 6.90
CA HIS B 195 -10.43 -17.47 8.31
C HIS B 195 -11.03 -16.39 9.20
N GLU B 196 -11.42 -16.79 10.41
CA GLU B 196 -12.00 -15.88 11.39
C GLU B 196 -11.33 -16.12 12.74
N VAL B 197 -11.34 -15.10 13.60
CA VAL B 197 -10.91 -15.25 14.98
C VAL B 197 -12.14 -15.15 15.88
N GLN B 198 -12.37 -16.21 16.66
CA GLN B 198 -13.51 -16.28 17.55
C GLN B 198 -13.23 -15.39 18.77
N PRO B 199 -14.29 -14.81 19.39
CA PRO B 199 -14.12 -13.93 20.56
C PRO B 199 -13.13 -14.44 21.61
N ALA B 200 -12.32 -13.50 22.12
CA ALA B 200 -11.32 -13.80 23.14
C ALA B 200 -11.76 -13.20 24.48
N TYR B 201 -11.65 -14.01 25.54
CA TYR B 201 -12.10 -13.63 26.88
C TYR B 201 -10.90 -13.55 27.82
N ALA B 202 -9.71 -13.41 27.23
CA ALA B 202 -8.47 -13.05 27.89
C ALA B 202 -7.53 -12.46 26.85
N THR B 203 -6.54 -11.68 27.28
CA THR B 203 -5.65 -10.98 26.37
C THR B 203 -4.96 -11.97 25.44
N ARG B 204 -5.10 -11.72 24.13
CA ARG B 204 -4.62 -12.64 23.11
C ARG B 204 -3.56 -11.95 22.26
N TYR B 205 -2.32 -12.43 22.36
CA TYR B 205 -1.21 -11.88 21.61
C TYR B 205 -0.84 -12.80 20.45
N ALA B 206 -0.44 -12.20 19.33
CA ALA B 206 0.02 -12.92 18.15
C ALA B 206 0.93 -12.03 17.32
N ILE B 207 1.88 -12.65 16.63
CA ILE B 207 2.82 -11.95 15.77
C ILE B 207 2.76 -12.57 14.37
N THR B 208 2.51 -11.72 13.38
CA THR B 208 2.32 -12.19 12.01
C THR B 208 3.32 -11.52 11.08
N VAL B 209 3.90 -12.33 10.18
CA VAL B 209 4.63 -11.83 9.03
C VAL B 209 4.07 -12.51 7.79
N TRP B 210 3.87 -11.72 6.73
CA TRP B 210 3.44 -12.20 5.43
C TRP B 210 4.65 -12.23 4.49
N TYR B 211 4.79 -13.33 3.74
CA TYR B 211 5.88 -13.48 2.80
C TYR B 211 5.38 -13.22 1.38
N PHE B 212 6.23 -12.58 0.57
CA PHE B 212 5.88 -12.07 -0.75
C PHE B 212 6.37 -13.00 -1.85
N ASP B 213 5.53 -13.22 -2.86
CA ASP B 213 5.93 -13.85 -4.11
C ASP B 213 6.45 -12.76 -5.07
N ALA B 214 7.65 -12.99 -5.61
CA ALA B 214 8.35 -12.02 -6.45
C ALA B 214 7.47 -11.51 -7.58
N ASP B 215 6.88 -12.44 -8.34
CA ASP B 215 6.09 -12.14 -9.53
C ASP B 215 4.81 -11.38 -9.16
N GLU B 216 3.99 -11.97 -8.29
CA GLU B 216 2.71 -11.38 -7.90
C GLU B 216 2.96 -9.98 -7.32
N ARG B 217 4.01 -9.87 -6.50
CA ARG B 217 4.35 -8.64 -5.80
C ARG B 217 4.73 -7.55 -6.80
N ALA B 218 5.30 -7.97 -7.94
CA ALA B 218 5.79 -7.04 -8.95
C ALA B 218 4.63 -6.37 -9.67
N ARG B 219 3.57 -7.15 -9.95
CA ARG B 219 2.40 -6.59 -10.62
C ARG B 219 1.51 -5.88 -9.61
N ALA B 220 1.67 -6.22 -8.32
CA ALA B 220 0.93 -5.61 -7.24
C ALA B 220 1.27 -4.13 -7.13
N LYS B 221 2.55 -3.79 -7.35
CA LYS B 221 3.02 -2.42 -7.22
C LYS B 221 2.59 -1.60 -8.43
N VAL B 222 2.23 -2.30 -9.51
CA VAL B 222 1.76 -1.66 -10.74
C VAL B 222 0.29 -1.30 -10.59
N LYS B 223 -0.44 -2.08 -9.77
CA LYS B 223 -1.89 -1.99 -9.69
C LYS B 223 -2.33 -1.17 -8.49
N TYR B 224 -1.67 -1.36 -7.34
CA TYR B 224 -2.22 -0.91 -6.07
C TYR B 224 -1.27 0.05 -5.36
N LEU B 225 -1.84 0.93 -4.55
CA LEU B 225 -1.05 1.85 -3.75
C LEU B 225 -0.40 1.06 -2.62
N THR B 226 0.69 0.35 -2.97
CA THR B 226 1.45 -0.47 -2.05
C THR B 226 2.93 -0.30 -2.35
N GLY B 227 3.77 -0.60 -1.34
CA GLY B 227 5.19 -0.34 -1.43
C GLY B 227 5.52 1.06 -0.94
N GLU B 228 6.72 1.54 -1.30
CA GLU B 228 7.24 2.82 -0.86
C GLU B 228 6.32 3.94 -1.32
N LYS B 229 5.81 3.82 -2.55
CA LYS B 229 4.97 4.85 -3.16
C LYS B 229 3.68 5.00 -2.35
N GLY B 230 3.35 3.96 -1.57
CA GLY B 230 2.11 3.90 -0.81
C GLY B 230 2.26 4.39 0.63
N VAL B 231 3.32 5.17 0.87
CA VAL B 231 3.57 5.82 2.15
C VAL B 231 3.16 7.28 2.02
N ARG B 232 2.39 7.77 3.00
CA ARG B 232 1.91 9.14 3.02
C ARG B 232 3.05 10.06 3.44
N VAL B 233 3.21 11.15 2.70
CA VAL B 233 4.15 12.21 3.02
C VAL B 233 3.34 13.36 3.64
N GLU B 234 3.90 14.01 4.66
CA GLU B 234 3.37 15.24 5.22
C GLU B 234 3.65 16.38 4.24
N LEU B 235 2.77 17.38 4.23
CA LEU B 235 2.92 18.49 3.29
C LEU B 235 3.96 19.49 3.83
FE FE2 C . -5.35 8.15 -13.84
C1 A1L0V D . -0.93 6.63 -14.44
C2 A1L0V D . -2.89 6.29 -13.28
C3 A1L0V D . -2.83 7.95 -14.89
C4 A1L0V D . -1.52 7.64 -15.14
C5 A1L0V D . -3.57 9.04 -15.60
C6 A1L0V D . -3.41 11.03 -16.96
C7 A1L0V D . -2.44 11.92 -17.71
C9 A1L0V D . 0.50 6.17 -14.59
C10 A1L0V D . 0.91 5.71 -15.97
C11 A1L0V D . 0.62 4.43 -16.42
C12 A1L0V D . 1.00 4.00 -17.68
C14 A1L0V D . 2.00 6.14 -18.08
N1 A1L0V D . -1.63 5.96 -13.50
N2 A1L0V D . -3.54 7.26 -13.94
N3 A1L0V D . -2.84 9.84 -16.38
O1 A1L0V D . -4.78 9.19 -15.40
O2 A1L0V D . -0.76 8.29 -16.08
C8 A1L0V D . -3.63 5.53 -12.24
O3 A1L0V D . -2.96 12.80 -18.45
O4 A1L0V D . -1.21 11.75 -17.55
C13 A1L0V D . 1.68 4.87 -18.49
C15 A1L0V D . 1.61 6.55 -16.83
F1 A1L0V D . 2.05 4.46 -19.72
FE FE2 E . -6.03 -12.94 8.72
C1 A1L0V F . -5.52 -9.09 11.82
C2 A1L0V F . -5.90 -9.75 9.65
C3 A1L0V F . -5.72 -11.38 11.29
C4 A1L0V F . -5.52 -10.40 12.23
C5 A1L0V F . -5.76 -12.85 11.60
C6 A1L0V F . -5.36 -14.59 13.23
C7 A1L0V F . -4.85 -14.84 14.63
C9 A1L0V F . -5.31 -7.90 12.73
C10 A1L0V F . -6.40 -7.76 13.77
C11 A1L0V F . -7.73 -7.55 13.41
C12 A1L0V F . -8.73 -7.43 14.35
C14 A1L0V F . -7.10 -7.71 16.10
N1 A1L0V F . -5.70 -8.76 10.53
N2 A1L0V F . -5.92 -11.05 9.97
N3 A1L0V F . -5.41 -13.20 12.83
O1 A1L0V F . -6.11 -13.67 10.75
O2 A1L0V F . -5.32 -10.67 13.55
C8 A1L0V F . -6.09 -9.38 8.22
O3 A1L0V F . -4.76 -16.03 14.98
O4 A1L0V F . -4.57 -13.84 15.33
C13 A1L0V F . -8.39 -7.51 15.67
C15 A1L0V F . -6.11 -7.83 15.13
F1 A1L0V F . -9.35 -7.39 16.62
#